data_7ZO3
#
_entry.id   7ZO3
#
_cell.length_a   105.274
_cell.length_b   105.274
_cell.length_c   98.241
_cell.angle_alpha   90.000
_cell.angle_beta   90.000
_cell.angle_gamma   120.000
#
_symmetry.space_group_name_H-M   'P 64 2 2'
#
loop_
_entity.id
_entity.type
_entity.pdbx_description
1 polymer 'Metallo-beta-lactamase L1'
2 non-polymer 'ZINC ION'
3 non-polymer 'SULFATE ION'
4 non-polymer '(2S,3R,4S)-2-[(2S,3R)-1,3-bis(oxidanyl)-1-oxidanylidene-butan-2-yl]-4-[1-(4,5-dihydro-1,3-thiazol-2-yl)azetidin-3-yl]sulfanyl-3-methyl-3,4-dihydro-2H-pyrrole-5-carboxylic acid'
5 water water
#
_entity_poly.entity_id   1
_entity_poly.type   'polypeptide(L)'
_entity_poly.pdbx_seq_one_letter_code
;GPAEVPLPQLRAYTVDASWLQPMAPLQIADHTWQIGTEDLTALLVQTPDGAVLLDGGMPQMASHLLDNMKARGVTPRDLR
LILLSHAHADHAGPVAELKRRTGAKVAANAESAVLLARGGSDDLHFGDGITYPPANADRIVMDGEVITVGGIVFTAHFMA
GHTPGSTAWTWTDTRNGKPVRIAYADSLSAPGYQLQGNPRYPHLIEDYRRSFATVRALPCDVLLTPHPGASNWDYAAGAR
AGAKALTCKAYADAAEQKFDGQLAKETAGAR
;
_entity_poly.pdbx_strand_id   A
#
# COMPACT_ATOMS: atom_id res chain seq x y z
N GLU A 4 -26.37 -30.81 18.78
CA GLU A 4 -26.84 -29.48 18.37
C GLU A 4 -25.68 -28.47 18.30
N VAL A 5 -25.92 -27.32 17.70
CA VAL A 5 -24.87 -26.66 16.92
C VAL A 5 -24.63 -25.21 17.28
N PRO A 6 -23.47 -24.87 17.84
CA PRO A 6 -23.17 -23.46 18.12
C PRO A 6 -22.83 -22.69 16.87
N LEU A 7 -22.97 -21.37 16.97
CA LEU A 7 -22.50 -20.51 15.91
C LEU A 7 -21.00 -20.72 15.72
N PRO A 8 -20.48 -20.50 14.51
CA PRO A 8 -19.05 -20.74 14.28
C PRO A 8 -18.19 -19.78 15.10
N GLN A 9 -17.00 -20.25 15.46
CA GLN A 9 -16.04 -19.37 16.09
C GLN A 9 -15.54 -18.33 15.08
N LEU A 10 -15.09 -17.20 15.60
CA LEU A 10 -14.45 -16.22 14.73
C LEU A 10 -13.20 -16.83 14.10
N ARG A 11 -12.98 -16.49 12.84
CA ARG A 11 -11.83 -16.99 12.08
C ARG A 11 -10.77 -15.91 12.04
N ALA A 12 -9.54 -16.28 12.33
CA ALA A 12 -8.45 -15.31 12.28
C ALA A 12 -8.05 -15.05 10.84
N TYR A 13 -7.59 -13.83 10.60
CA TYR A 13 -7.07 -13.44 9.31
C TYR A 13 -5.65 -13.97 9.22
N THR A 14 -5.48 -15.12 8.58
CA THR A 14 -4.18 -15.74 8.43
C THR A 14 -3.69 -15.57 6.99
N VAL A 15 -2.36 -15.49 6.84
CA VAL A 15 -1.74 -15.18 5.57
C VAL A 15 -0.53 -16.09 5.37
N ASP A 16 -0.04 -16.13 4.14
CA ASP A 16 1.15 -16.91 3.83
C ASP A 16 2.31 -16.48 4.72
N ALA A 17 3.13 -17.44 5.13
CA ALA A 17 4.22 -17.14 6.06
C ALA A 17 5.14 -16.04 5.52
N SER A 18 5.39 -16.03 4.20
CA SER A 18 6.32 -15.06 3.65
C SER A 18 5.83 -13.63 3.85
N TRP A 19 4.51 -13.43 3.97
CA TRP A 19 3.99 -12.11 4.23
C TRP A 19 4.35 -11.62 5.63
N LEU A 20 4.74 -12.54 6.51
CA LEU A 20 5.07 -12.23 7.89
C LEU A 20 6.54 -12.46 8.20
N GLN A 21 7.36 -12.68 7.17
CA GLN A 21 8.77 -13.02 7.40
C GLN A 21 9.56 -11.73 7.52
N PRO A 22 10.06 -11.36 8.71
CA PRO A 22 10.84 -10.12 8.80
C PRO A 22 12.05 -10.14 7.89
N MET A 23 12.39 -8.97 7.36
CA MET A 23 13.66 -8.77 6.66
C MET A 23 14.30 -7.49 7.18
N ALA A 24 15.62 -7.42 7.04
CA ALA A 24 16.35 -6.21 7.31
C ALA A 24 16.07 -5.16 6.24
N PRO A 25 16.35 -3.89 6.55
CA PRO A 25 16.06 -2.83 5.57
C PRO A 25 16.81 -3.07 4.25
N LEU A 26 16.08 -2.87 3.14
CA LEU A 26 16.62 -3.01 1.78
C LEU A 26 16.52 -1.65 1.10
N GLN A 27 17.67 -1.09 0.70
CA GLN A 27 17.68 0.25 0.12
C GLN A 27 17.18 0.22 -1.33
N ILE A 28 16.25 1.13 -1.64
CA ILE A 28 15.70 1.31 -2.98
C ILE A 28 16.34 2.49 -3.68
N ALA A 29 16.55 3.59 -2.95
CA ALA A 29 17.25 4.75 -3.46
C ALA A 29 17.88 5.48 -2.26
N ASP A 30 18.44 6.66 -2.49
CA ASP A 30 19.29 7.27 -1.47
C ASP A 30 18.55 7.47 -0.14
N HIS A 31 17.25 7.76 -0.18
CA HIS A 31 16.52 8.00 1.06
C HIS A 31 15.32 7.09 1.24
N THR A 32 15.20 6.04 0.43
CA THR A 32 14.00 5.19 0.41
C THR A 32 14.41 3.75 0.68
N TRP A 33 13.76 3.12 1.67
CA TRP A 33 14.07 1.77 2.08
C TRP A 33 12.80 0.94 2.23
N GLN A 34 12.88 -0.33 1.80
CA GLN A 34 11.89 -1.33 2.18
C GLN A 34 12.23 -1.86 3.57
N ILE A 35 11.28 -1.73 4.49
CA ILE A 35 11.53 -2.10 5.88
C ILE A 35 10.46 -3.05 6.41
N GLY A 36 9.62 -3.59 5.51
CA GLY A 36 8.59 -4.51 5.93
C GLY A 36 9.06 -5.96 5.99
N THR A 37 8.26 -6.86 5.43
CA THR A 37 8.57 -8.28 5.41
C THR A 37 8.93 -8.67 3.98
N GLU A 38 9.25 -9.96 3.80
N GLU A 38 9.25 -9.97 3.81
CA GLU A 38 9.67 -10.43 2.49
CA GLU A 38 9.66 -10.47 2.51
C GLU A 38 8.58 -10.19 1.45
C GLU A 38 8.59 -10.21 1.46
N ASP A 39 7.31 -10.38 1.83
CA ASP A 39 6.22 -10.29 0.86
C ASP A 39 5.21 -9.18 1.15
N LEU A 40 5.48 -8.23 2.06
CA LEU A 40 4.65 -7.03 2.21
C LEU A 40 5.53 -5.79 2.27
N THR A 41 5.22 -4.82 1.43
CA THR A 41 5.96 -3.58 1.35
C THR A 41 5.58 -2.66 2.48
N ALA A 42 6.59 -2.05 3.10
CA ALA A 42 6.45 -0.90 3.99
C ALA A 42 7.67 -0.02 3.74
N LEU A 43 7.45 1.15 3.17
CA LEU A 43 8.55 1.97 2.68
C LEU A 43 8.85 3.09 3.65
N LEU A 44 10.12 3.19 4.04
CA LEU A 44 10.61 4.30 4.86
C LEU A 44 11.36 5.28 3.97
N VAL A 45 10.96 6.55 4.04
CA VAL A 45 11.67 7.63 3.34
C VAL A 45 12.21 8.56 4.41
N GLN A 46 13.54 8.67 4.46
CA GLN A 46 14.22 9.43 5.50
C GLN A 46 14.67 10.77 4.96
N THR A 47 14.31 11.83 5.64
CA THR A 47 14.67 13.17 5.22
C THR A 47 15.35 13.89 6.38
N PRO A 48 16.04 14.97 6.09
CA PRO A 48 16.68 15.74 7.18
C PRO A 48 15.67 16.30 8.15
N ASP A 49 14.39 16.24 7.83
CA ASP A 49 13.31 16.82 8.62
C ASP A 49 12.31 15.76 9.05
N GLY A 50 12.77 14.54 9.28
CA GLY A 50 11.93 13.47 9.76
C GLY A 50 11.66 12.45 8.67
N ALA A 51 10.96 11.40 9.07
CA ALA A 51 10.75 10.24 8.21
C ALA A 51 9.28 10.05 7.88
N VAL A 52 9.05 9.48 6.71
CA VAL A 52 7.73 9.11 6.22
C VAL A 52 7.68 7.60 6.08
N LEU A 53 6.55 7.01 6.45
CA LEU A 53 6.29 5.60 6.20
C LEU A 53 5.12 5.48 5.24
N LEU A 54 5.30 4.68 4.18
CA LEU A 54 4.22 4.35 3.25
C LEU A 54 3.89 2.88 3.46
N ASP A 55 2.72 2.65 4.07
CA ASP A 55 2.19 1.36 4.48
C ASP A 55 2.94 0.77 5.68
N GLY A 56 2.25 -0.08 6.43
CA GLY A 56 2.84 -0.81 7.52
C GLY A 56 2.70 -2.32 7.42
N GLY A 57 1.95 -2.83 6.45
CA GLY A 57 1.74 -4.26 6.40
C GLY A 57 0.66 -4.77 7.35
N MET A 58 0.90 -5.94 7.93
CA MET A 58 -0.06 -6.61 8.79
C MET A 58 -0.07 -6.00 10.20
N PRO A 59 -1.13 -6.25 10.97
CA PRO A 59 -1.23 -5.64 12.32
C PRO A 59 -0.11 -6.02 13.25
N GLN A 60 0.41 -7.23 13.13
CA GLN A 60 1.44 -7.66 14.05
C GLN A 60 2.84 -7.16 13.68
N MET A 61 2.98 -6.27 12.69
CA MET A 61 4.30 -5.84 12.23
C MET A 61 4.82 -4.58 12.90
N ALA A 62 4.08 -3.98 13.84
CA ALA A 62 4.49 -2.68 14.36
C ALA A 62 5.89 -2.72 14.96
N SER A 63 6.16 -3.70 15.84
CA SER A 63 7.45 -3.70 16.52
C SER A 63 8.59 -3.92 15.55
N HIS A 64 8.40 -4.80 14.57
CA HIS A 64 9.44 -5.01 13.57
C HIS A 64 9.73 -3.73 12.80
N LEU A 65 8.68 -2.99 12.40
CA LEU A 65 8.87 -1.73 11.70
C LEU A 65 9.68 -0.76 12.55
N LEU A 66 9.36 -0.67 13.83
CA LEU A 66 10.09 0.23 14.72
C LEU A 66 11.54 -0.23 14.90
N ASP A 67 11.77 -1.55 14.92
CA ASP A 67 13.14 -2.06 14.98
C ASP A 67 13.93 -1.60 13.76
N ASN A 68 13.33 -1.76 12.56
CA ASN A 68 14.02 -1.38 11.34
C ASN A 68 14.21 0.13 11.26
N MET A 69 13.24 0.91 11.73
CA MET A 69 13.45 2.35 11.77
C MET A 69 14.65 2.71 12.65
N LYS A 70 14.70 2.15 13.85
CA LYS A 70 15.85 2.37 14.73
C LYS A 70 17.16 2.01 14.05
N ALA A 71 17.20 0.88 13.35
CA ALA A 71 18.42 0.50 12.64
C ALA A 71 18.84 1.55 11.61
N ARG A 72 17.85 2.26 11.03
CA ARG A 72 18.11 3.30 10.04
C ARG A 72 18.41 4.66 10.68
N GLY A 73 18.34 4.77 11.99
CA GLY A 73 18.55 6.04 12.66
C GLY A 73 17.30 6.83 12.89
N VAL A 74 16.13 6.22 12.73
CA VAL A 74 14.83 6.88 12.89
C VAL A 74 14.24 6.45 14.22
N THR A 75 14.20 7.36 15.19
CA THR A 75 13.51 7.09 16.43
C THR A 75 12.01 7.35 16.29
N PRO A 76 11.23 6.93 17.27
CA PRO A 76 9.77 7.17 17.20
C PRO A 76 9.39 8.64 17.03
N ARG A 77 10.11 9.57 17.67
CA ARG A 77 9.78 10.97 17.47
C ARG A 77 10.03 11.42 16.04
N ASP A 78 10.97 10.77 15.35
CA ASP A 78 11.37 11.23 14.04
C ASP A 78 10.38 10.83 12.95
N LEU A 79 9.52 9.85 13.24
CA LEU A 79 8.53 9.42 12.26
C LEU A 79 7.40 10.45 12.26
N ARG A 80 7.24 11.15 11.15
CA ARG A 80 6.34 12.29 11.11
C ARG A 80 5.03 12.01 10.40
N LEU A 81 5.03 11.06 9.46
CA LEU A 81 3.93 10.94 8.51
C LEU A 81 3.79 9.50 8.11
N ILE A 82 2.56 8.99 8.12
CA ILE A 82 2.21 7.70 7.52
C ILE A 82 1.26 7.98 6.36
N LEU A 83 1.59 7.43 5.19
CA LEU A 83 0.77 7.43 4.00
C LEU A 83 0.39 5.99 3.72
N LEU A 84 -0.74 5.79 3.01
CA LEU A 84 -1.23 4.45 2.71
C LEU A 84 -1.56 4.25 1.24
N SER A 85 -1.29 3.03 0.74
CA SER A 85 -1.82 2.60 -0.55
C SER A 85 -3.33 2.37 -0.47
N HIS A 86 -3.77 1.48 0.41
CA HIS A 86 -5.19 1.31 0.71
C HIS A 86 -5.34 0.70 2.10
N ALA A 87 -6.52 0.91 2.70
CA ALA A 87 -6.76 0.62 4.11
C ALA A 87 -7.34 -0.77 4.34
N HIS A 88 -6.67 -1.78 3.80
CA HIS A 88 -6.90 -3.16 4.19
C HIS A 88 -5.91 -3.64 5.24
N ALA A 89 -6.25 -4.76 5.89
CA ALA A 89 -5.52 -5.17 7.08
C ALA A 89 -4.06 -5.56 6.81
N ASP A 90 -3.76 -6.03 5.61
CA ASP A 90 -2.40 -6.42 5.25
C ASP A 90 -1.54 -5.25 4.79
N HIS A 91 -2.08 -4.04 4.77
CA HIS A 91 -1.29 -2.86 4.41
C HIS A 91 -1.36 -1.76 5.43
N ALA A 92 -2.50 -1.56 6.08
CA ALA A 92 -2.68 -0.56 7.10
C ALA A 92 -2.79 -1.16 8.51
N GLY A 93 -2.56 -2.48 8.63
CA GLY A 93 -2.78 -3.18 9.87
C GLY A 93 -2.28 -2.52 11.13
N PRO A 94 -1.00 -2.10 11.15
CA PRO A 94 -0.42 -1.59 12.40
C PRO A 94 -0.49 -0.07 12.55
N VAL A 95 -1.27 0.61 11.72
CA VAL A 95 -1.25 2.07 11.73
C VAL A 95 -1.67 2.61 13.09
N ALA A 96 -2.76 2.08 13.66
CA ALA A 96 -3.20 2.59 14.96
C ALA A 96 -2.10 2.49 16.01
N GLU A 97 -1.42 1.34 16.06
CA GLU A 97 -0.39 1.14 17.07
C GLU A 97 0.81 2.04 16.81
N LEU A 98 1.18 2.19 15.54
CA LEU A 98 2.29 3.07 15.19
C LEU A 98 2.00 4.50 15.64
N LYS A 99 0.74 4.94 15.51
CA LYS A 99 0.40 6.29 15.97
C LYS A 99 0.57 6.44 17.48
N ARG A 100 0.19 5.40 18.24
CA ARG A 100 0.32 5.46 19.68
C ARG A 100 1.78 5.48 20.12
N ARG A 101 2.66 4.85 19.34
CA ARG A 101 4.05 4.63 19.73
C ARG A 101 5.05 5.58 19.05
N THR A 102 4.62 6.45 18.15
CA THR A 102 5.52 7.36 17.46
C THR A 102 4.90 8.75 17.39
N GLY A 103 5.65 9.69 16.84
CA GLY A 103 5.07 10.99 16.49
C GLY A 103 4.25 11.06 15.22
N ALA A 104 3.90 9.93 14.63
CA ALA A 104 3.42 9.94 13.25
C ALA A 104 1.95 10.35 13.16
N LYS A 105 1.66 11.16 12.17
CA LYS A 105 0.30 11.51 11.80
C LYS A 105 0.01 10.91 10.43
N VAL A 106 -1.25 10.64 10.21
CA VAL A 106 -1.72 9.94 9.01
C VAL A 106 -2.34 10.94 8.06
N ALA A 107 -1.95 10.88 6.78
CA ALA A 107 -2.62 11.62 5.73
C ALA A 107 -3.22 10.64 4.75
N ALA A 108 -4.49 10.84 4.40
CA ALA A 108 -5.16 9.91 3.51
C ALA A 108 -6.34 10.60 2.87
N ASN A 109 -6.83 10.03 1.77
CA ASN A 109 -8.05 10.57 1.18
C ASN A 109 -9.27 10.18 2.02
N ALA A 110 -10.40 10.82 1.70
CA ALA A 110 -11.61 10.63 2.48
C ALA A 110 -12.02 9.16 2.49
N GLU A 111 -11.97 8.50 1.34
CA GLU A 111 -12.41 7.10 1.30
C GLU A 111 -11.52 6.26 2.20
N SER A 112 -10.22 6.43 2.09
CA SER A 112 -9.33 5.62 2.93
C SER A 112 -9.49 5.97 4.40
N ALA A 113 -9.70 7.24 4.71
CA ALA A 113 -9.88 7.65 6.09
C ALA A 113 -11.11 7.00 6.71
N VAL A 114 -12.20 6.92 5.94
N VAL A 114 -12.22 6.91 5.96
CA VAL A 114 -13.42 6.33 6.46
CA VAL A 114 -13.41 6.34 6.58
C VAL A 114 -13.24 4.86 6.74
C VAL A 114 -13.26 4.82 6.76
N LEU A 115 -12.58 4.15 5.83
CA LEU A 115 -12.36 2.71 6.00
C LEU A 115 -11.37 2.45 7.13
N LEU A 116 -10.32 3.25 7.22
CA LEU A 116 -9.35 3.14 8.30
C LEU A 116 -10.02 3.37 9.66
N ALA A 117 -10.90 4.38 9.73
CA ALA A 117 -11.60 4.70 10.96
C ALA A 117 -12.54 3.60 11.43
N ARG A 118 -13.03 2.75 10.54
CA ARG A 118 -13.79 1.59 10.97
C ARG A 118 -12.96 0.30 10.99
N GLY A 119 -11.65 0.40 10.93
CA GLY A 119 -10.79 -0.77 11.04
C GLY A 119 -11.04 -1.81 9.96
N GLY A 120 -11.40 -1.37 8.76
CA GLY A 120 -11.67 -2.31 7.68
C GLY A 120 -12.99 -3.03 7.77
N SER A 121 -13.82 -2.73 8.76
CA SER A 121 -15.13 -3.34 8.88
C SER A 121 -16.08 -2.73 7.85
N ASP A 122 -17.19 -3.45 7.62
CA ASP A 122 -18.18 -3.06 6.60
C ASP A 122 -17.50 -2.79 5.26
N ASP A 123 -16.56 -3.66 4.90
CA ASP A 123 -15.88 -3.56 3.62
C ASP A 123 -16.87 -3.85 2.49
N LEU A 124 -16.68 -3.17 1.36
CA LEU A 124 -17.63 -3.31 0.27
C LEU A 124 -17.72 -4.76 -0.21
N HIS A 125 -16.61 -5.51 -0.12
CA HIS A 125 -16.56 -6.87 -0.61
C HIS A 125 -16.32 -7.91 0.46
N PHE A 126 -15.57 -7.57 1.50
CA PHE A 126 -15.21 -8.55 2.53
C PHE A 126 -16.13 -8.48 3.76
N GLY A 127 -17.03 -7.50 3.84
CA GLY A 127 -17.87 -7.42 5.03
C GLY A 127 -17.00 -7.13 6.24
N ASP A 128 -17.22 -7.91 7.30
CA ASP A 128 -16.42 -7.79 8.53
C ASP A 128 -15.40 -8.90 8.64
N GLY A 129 -15.08 -9.57 7.53
CA GLY A 129 -14.23 -10.74 7.59
C GLY A 129 -12.76 -10.45 7.82
N ILE A 130 -12.32 -9.23 7.54
CA ILE A 130 -10.91 -8.91 7.61
C ILE A 130 -10.80 -7.51 8.21
N THR A 131 -10.63 -7.44 9.52
CA THR A 131 -10.61 -6.18 10.24
C THR A 131 -9.26 -6.00 10.94
N TYR A 132 -9.03 -4.80 11.46
CA TYR A 132 -7.79 -4.45 12.13
C TYR A 132 -8.08 -3.28 13.06
N PRO A 133 -7.14 -2.87 13.90
CA PRO A 133 -7.44 -1.78 14.85
C PRO A 133 -7.74 -0.48 14.12
N PRO A 134 -8.83 0.20 14.44
CA PRO A 134 -9.17 1.43 13.71
C PRO A 134 -8.19 2.55 14.03
N ALA A 135 -8.04 3.48 13.09
CA ALA A 135 -7.18 4.64 13.29
C ALA A 135 -7.82 5.84 12.62
N ASN A 136 -7.50 7.02 13.14
CA ASN A 136 -8.00 8.26 12.58
C ASN A 136 -6.94 8.93 11.73
N ALA A 137 -7.37 9.55 10.65
CA ALA A 137 -6.52 10.38 9.81
C ALA A 137 -6.42 11.79 10.37
N ASP A 138 -5.21 12.35 10.30
CA ASP A 138 -4.97 13.71 10.75
C ASP A 138 -5.08 14.75 9.64
N ARG A 139 -4.98 14.32 8.39
CA ARG A 139 -5.05 15.21 7.24
C ARG A 139 -5.76 14.47 6.13
N ILE A 140 -6.72 15.13 5.47
CA ILE A 140 -7.41 14.55 4.32
C ILE A 140 -6.78 15.13 3.07
N VAL A 141 -6.41 14.27 2.11
CA VAL A 141 -5.81 14.73 0.86
C VAL A 141 -6.79 14.51 -0.29
N MET A 142 -6.67 15.39 -1.27
CA MET A 142 -7.42 15.35 -2.52
C MET A 142 -6.51 14.85 -3.63
N ASP A 143 -7.13 14.46 -4.74
CA ASP A 143 -6.39 13.88 -5.85
C ASP A 143 -5.40 14.91 -6.38
N GLY A 144 -4.14 14.48 -6.55
CA GLY A 144 -3.14 15.36 -7.06
C GLY A 144 -2.51 16.26 -6.05
N GLU A 145 -2.96 16.21 -4.79
CA GLU A 145 -2.38 17.07 -3.77
C GLU A 145 -0.99 16.56 -3.40
N VAL A 146 -0.14 17.50 -2.98
CA VAL A 146 1.23 17.16 -2.60
C VAL A 146 1.41 17.33 -1.09
N ILE A 147 2.26 16.48 -0.53
CA ILE A 147 2.73 16.63 0.83
C ILE A 147 4.25 16.64 0.80
N THR A 148 4.84 17.57 1.52
CA THR A 148 6.29 17.75 1.49
C THR A 148 6.86 17.52 2.88
N VAL A 149 7.87 16.63 2.95
CA VAL A 149 8.61 16.38 4.18
C VAL A 149 10.10 16.45 3.87
N GLY A 150 10.80 17.33 4.56
CA GLY A 150 12.24 17.48 4.39
C GLY A 150 12.65 17.64 2.94
N GLY A 151 11.79 18.23 2.13
CA GLY A 151 12.11 18.48 0.74
C GLY A 151 11.82 17.34 -0.21
N ILE A 152 11.29 16.22 0.28
CA ILE A 152 10.79 15.17 -0.60
C ILE A 152 9.30 15.44 -0.79
N VAL A 153 8.89 15.55 -2.05
CA VAL A 153 7.53 15.93 -2.40
C VAL A 153 6.77 14.70 -2.85
N PHE A 154 5.74 14.33 -2.07
CA PHE A 154 4.90 13.18 -2.38
C PHE A 154 3.61 13.65 -3.01
N THR A 155 3.23 13.04 -4.13
CA THR A 155 2.02 13.40 -4.85
C THR A 155 1.04 12.23 -4.83
N ALA A 156 -0.20 12.52 -4.47
CA ALA A 156 -1.26 11.51 -4.45
C ALA A 156 -1.91 11.39 -5.82
N HIS A 157 -2.06 10.14 -6.30
CA HIS A 157 -2.78 9.87 -7.56
C HIS A 157 -3.86 8.85 -7.22
N PHE A 158 -5.11 9.29 -7.19
CA PHE A 158 -6.20 8.39 -6.86
C PHE A 158 -6.31 7.35 -7.95
N MET A 159 -6.50 6.10 -7.54
CA MET A 159 -6.65 4.98 -8.45
C MET A 159 -7.67 4.01 -7.86
N ALA A 160 -8.89 4.52 -7.68
CA ALA A 160 -9.98 3.76 -7.07
C ALA A 160 -10.23 2.46 -7.82
N GLY A 161 -10.55 1.42 -7.07
CA GLY A 161 -10.98 0.16 -7.66
C GLY A 161 -10.81 -0.95 -6.62
N HIS A 162 -9.55 -1.29 -6.34
CA HIS A 162 -9.30 -2.29 -5.32
C HIS A 162 -9.98 -1.90 -4.00
N THR A 163 -9.85 -0.65 -3.59
CA THR A 163 -10.75 -0.03 -2.64
C THR A 163 -11.14 1.31 -3.25
N PRO A 164 -12.23 1.92 -2.79
CA PRO A 164 -12.58 3.25 -3.31
C PRO A 164 -11.46 4.27 -3.12
N GLY A 165 -10.70 4.14 -2.04
CA GLY A 165 -9.68 5.10 -1.70
C GLY A 165 -8.29 4.73 -2.14
N SER A 166 -8.12 3.70 -2.96
CA SER A 166 -6.80 3.29 -3.42
C SER A 166 -6.04 4.45 -4.04
N THR A 167 -4.75 4.58 -3.67
CA THR A 167 -3.92 5.70 -4.05
C THR A 167 -2.55 5.21 -4.46
N ALA A 168 -2.00 5.79 -5.53
CA ALA A 168 -0.59 5.70 -5.85
C ALA A 168 0.11 6.95 -5.34
N TRP A 169 1.25 6.77 -4.73
CA TRP A 169 2.07 7.86 -4.22
C TRP A 169 3.35 7.91 -5.03
N THR A 170 3.70 9.09 -5.53
CA THR A 170 4.94 9.24 -6.26
C THR A 170 5.84 10.30 -5.63
N TRP A 171 7.15 10.09 -5.78
CA TRP A 171 8.10 11.09 -5.32
C TRP A 171 9.40 10.86 -6.07
N THR A 172 10.29 11.84 -5.99
CA THR A 172 11.58 11.78 -6.67
C THR A 172 12.67 11.70 -5.62
N ASP A 173 13.47 10.64 -5.69
CA ASP A 173 14.65 10.45 -4.85
C ASP A 173 15.84 10.56 -5.79
N THR A 174 17.02 10.17 -5.29
CA THR A 174 18.22 10.17 -6.10
C THR A 174 18.92 8.84 -5.96
N ARG A 175 19.80 8.57 -6.92
CA ARG A 175 20.57 7.32 -6.93
C ARG A 175 21.71 7.54 -7.90
N ASN A 176 22.94 7.21 -7.48
CA ASN A 176 24.14 7.37 -8.30
C ASN A 176 24.16 8.75 -8.95
N GLY A 177 23.75 9.76 -8.18
CA GLY A 177 23.79 11.13 -8.62
C GLY A 177 22.60 11.61 -9.40
N LYS A 178 21.70 10.71 -9.79
CA LYS A 178 20.63 11.10 -10.71
C LYS A 178 19.26 10.97 -10.05
N PRO A 179 18.30 11.76 -10.51
CA PRO A 179 16.94 11.63 -9.98
C PRO A 179 16.35 10.27 -10.32
N VAL A 180 15.56 9.73 -9.40
CA VAL A 180 14.82 8.49 -9.59
C VAL A 180 13.37 8.80 -9.22
N ARG A 181 12.48 8.77 -10.22
CA ARG A 181 11.05 8.99 -10.01
C ARG A 181 10.44 7.66 -9.58
N ILE A 182 10.13 7.57 -8.30
CA ILE A 182 9.59 6.36 -7.67
C ILE A 182 8.06 6.45 -7.70
N ALA A 183 7.43 5.36 -8.11
CA ALA A 183 5.98 5.25 -8.11
C ALA A 183 5.59 4.07 -7.24
N TYR A 184 4.89 4.34 -6.14
CA TYR A 184 4.33 3.29 -5.28
C TYR A 184 2.85 3.20 -5.66
N ALA A 185 2.56 2.27 -6.57
CA ALA A 185 1.22 2.14 -7.13
C ALA A 185 0.47 1.09 -6.33
N ASP A 186 -0.81 1.35 -6.08
CA ASP A 186 -1.58 0.45 -5.25
C ASP A 186 -1.94 -0.82 -6.02
N SER A 187 -2.46 -1.78 -5.29
CA SER A 187 -3.02 -2.98 -5.86
C SER A 187 -4.13 -2.69 -6.87
N LEU A 188 -4.21 -3.57 -7.87
CA LEU A 188 -5.20 -3.50 -8.93
C LEU A 188 -5.94 -4.83 -9.05
N SER A 189 -5.81 -5.68 -8.04
CA SER A 189 -6.53 -6.94 -7.99
C SER A 189 -7.99 -6.69 -7.62
N ALA A 190 -8.82 -7.72 -7.83
CA ALA A 190 -10.23 -7.68 -7.45
C ALA A 190 -10.59 -9.04 -6.86
N PRO A 191 -9.96 -9.42 -5.71
CA PRO A 191 -10.04 -10.81 -5.24
C PRO A 191 -11.41 -11.23 -4.74
N GLY A 192 -12.06 -12.08 -5.53
CA GLY A 192 -13.40 -12.54 -5.22
C GLY A 192 -14.46 -11.48 -5.35
N TYR A 193 -14.16 -10.36 -5.98
CA TYR A 193 -15.12 -9.28 -6.06
C TYR A 193 -16.21 -9.58 -7.07
N GLN A 194 -17.43 -9.16 -6.76
CA GLN A 194 -18.47 -9.03 -7.77
C GLN A 194 -18.21 -7.73 -8.53
N LEU A 195 -17.86 -7.85 -9.79
CA LEU A 195 -17.45 -6.70 -10.60
C LEU A 195 -18.66 -6.00 -11.23
N GLN A 196 -19.56 -6.76 -11.87
CA GLN A 196 -20.66 -6.18 -12.63
C GLN A 196 -21.90 -6.05 -11.75
N GLY A 197 -22.56 -4.90 -11.84
CA GLY A 197 -23.82 -4.71 -11.14
C GLY A 197 -23.71 -4.85 -9.65
N ASN A 198 -22.59 -4.46 -9.07
CA ASN A 198 -22.42 -4.55 -7.63
C ASN A 198 -23.16 -3.40 -6.97
N PRO A 199 -24.17 -3.67 -6.13
CA PRO A 199 -24.95 -2.54 -5.56
C PRO A 199 -24.16 -1.66 -4.62
N ARG A 200 -23.13 -2.19 -3.97
CA ARG A 200 -22.28 -1.40 -3.11
C ARG A 200 -21.20 -0.64 -3.87
N TYR A 201 -21.01 -0.91 -5.16
CA TYR A 201 -19.98 -0.23 -5.96
C TYR A 201 -20.43 -0.20 -7.42
N PRO A 202 -21.41 0.63 -7.74
CA PRO A 202 -22.02 0.52 -9.08
C PRO A 202 -21.08 0.88 -10.21
N HIS A 203 -20.15 1.81 -9.99
CA HIS A 203 -19.22 2.24 -11.03
C HIS A 203 -17.86 1.52 -10.91
N LEU A 204 -17.82 0.33 -10.31
CA LEU A 204 -16.56 -0.36 -10.08
C LEU A 204 -15.75 -0.51 -11.36
N ILE A 205 -16.40 -0.96 -12.44
CA ILE A 205 -15.63 -1.27 -13.65
C ILE A 205 -15.03 0.00 -14.26
N GLU A 206 -15.84 1.06 -14.34
CA GLU A 206 -15.35 2.33 -14.87
C GLU A 206 -14.16 2.84 -14.06
N ASP A 207 -14.22 2.66 -12.74
CA ASP A 207 -13.15 3.14 -11.87
C ASP A 207 -11.88 2.36 -12.12
N TYR A 208 -11.97 1.03 -12.19
CA TYR A 208 -10.79 0.25 -12.51
C TYR A 208 -10.19 0.68 -13.84
N ARG A 209 -11.03 0.87 -14.89
CA ARG A 209 -10.49 1.25 -16.19
C ARG A 209 -9.78 2.58 -16.14
N ARG A 210 -10.34 3.54 -15.42
CA ARG A 210 -9.66 4.82 -15.28
C ARG A 210 -8.37 4.64 -14.51
N SER A 211 -8.38 3.73 -13.52
CA SER A 211 -7.19 3.53 -12.70
C SER A 211 -6.06 2.86 -13.48
N PHE A 212 -6.37 1.93 -14.41
CA PHE A 212 -5.32 1.39 -15.27
C PHE A 212 -4.64 2.52 -16.05
N ALA A 213 -5.41 3.49 -16.52
CA ALA A 213 -4.86 4.58 -17.32
C ALA A 213 -4.00 5.49 -16.45
N THR A 214 -4.43 5.75 -15.22
CA THR A 214 -3.66 6.54 -14.26
C THR A 214 -2.32 5.89 -13.98
N VAL A 215 -2.35 4.59 -13.66
CA VAL A 215 -1.09 3.89 -13.36
C VAL A 215 -0.15 3.92 -14.56
N ARG A 216 -0.70 3.68 -15.77
CA ARG A 216 0.11 3.63 -16.99
C ARG A 216 0.87 4.92 -17.18
N ALA A 217 0.29 6.05 -16.77
CA ALA A 217 0.85 7.38 -17.04
C ALA A 217 1.70 7.95 -15.91
N LEU A 218 1.89 7.23 -14.81
CA LEU A 218 2.59 7.80 -13.67
C LEU A 218 4.05 8.09 -14.03
N PRO A 219 4.65 9.12 -13.41
CA PRO A 219 6.12 9.26 -13.48
C PRO A 219 6.75 8.08 -12.75
N CYS A 220 7.58 7.33 -13.46
CA CYS A 220 7.83 5.95 -13.02
C CYS A 220 9.15 5.39 -13.49
N ASP A 221 10.25 5.91 -13.00
CA ASP A 221 11.53 5.25 -13.22
C ASP A 221 11.59 3.90 -12.50
N VAL A 222 10.99 3.82 -11.30
CA VAL A 222 10.97 2.60 -10.51
C VAL A 222 9.56 2.42 -9.95
N LEU A 223 8.94 1.28 -10.22
CA LEU A 223 7.64 0.94 -9.68
C LEU A 223 7.82 0.04 -8.47
N LEU A 224 7.09 0.33 -7.39
CA LEU A 224 6.92 -0.56 -6.24
C LEU A 224 5.42 -0.75 -5.99
N THR A 225 5.04 -1.91 -5.44
CA THR A 225 3.66 -2.23 -5.14
C THR A 225 3.51 -2.82 -3.75
N PRO A 226 2.31 -2.75 -3.16
CA PRO A 226 2.11 -3.27 -1.79
C PRO A 226 2.47 -4.73 -1.65
N HIS A 227 2.10 -5.55 -2.63
CA HIS A 227 2.64 -6.91 -2.71
C HIS A 227 3.78 -6.88 -3.71
N PRO A 228 5.03 -7.11 -3.29
CA PRO A 228 6.15 -6.97 -4.25
C PRO A 228 6.01 -7.82 -5.49
N GLY A 229 5.44 -9.01 -5.38
CA GLY A 229 5.29 -9.87 -6.52
C GLY A 229 4.42 -9.28 -7.60
N ALA A 230 3.53 -8.36 -7.25
CA ALA A 230 2.67 -7.77 -8.27
C ALA A 230 3.46 -6.93 -9.26
N SER A 231 4.61 -6.41 -8.85
CA SER A 231 5.46 -5.64 -9.74
C SER A 231 6.77 -6.37 -10.02
N ASN A 232 6.84 -7.67 -9.73
CA ASN A 232 7.99 -8.52 -10.03
C ASN A 232 9.22 -8.18 -9.19
N TRP A 233 9.02 -7.58 -8.03
CA TRP A 233 10.08 -7.41 -7.06
C TRP A 233 10.26 -8.71 -6.27
N ASP A 234 11.51 -8.99 -5.87
CA ASP A 234 11.80 -10.10 -4.96
C ASP A 234 12.67 -9.55 -3.83
N TYR A 235 12.03 -9.18 -2.72
CA TYR A 235 12.77 -8.49 -1.65
C TYR A 235 13.84 -9.38 -1.04
N ALA A 236 13.78 -10.68 -1.27
CA ALA A 236 14.79 -11.56 -0.71
C ALA A 236 15.99 -11.75 -1.64
N ALA A 237 15.99 -11.14 -2.81
CA ALA A 237 17.04 -11.35 -3.80
C ALA A 237 18.19 -10.36 -3.70
N GLY A 238 18.24 -9.56 -2.64
CA GLY A 238 19.42 -8.74 -2.39
C GLY A 238 19.66 -7.70 -3.46
N ALA A 239 20.86 -7.74 -4.04
CA ALA A 239 21.27 -6.74 -5.02
C ALA A 239 20.46 -6.82 -6.30
N ARG A 240 19.76 -7.92 -6.52
N ARG A 240 19.75 -7.93 -6.50
CA ARG A 240 18.89 -8.04 -7.68
CA ARG A 240 18.89 -8.14 -7.65
C ARG A 240 17.42 -8.11 -7.28
C ARG A 240 17.41 -8.01 -7.32
N ALA A 241 17.08 -7.58 -6.10
CA ALA A 241 15.69 -7.54 -5.68
C ALA A 241 14.78 -6.84 -6.69
N GLY A 242 15.23 -5.71 -7.24
CA GLY A 242 14.44 -4.95 -8.19
C GLY A 242 14.76 -5.20 -9.64
N ALA A 243 15.64 -6.15 -9.95
CA ALA A 243 16.15 -6.26 -11.32
C ALA A 243 15.02 -6.55 -12.30
N LYS A 244 14.07 -7.38 -11.89
CA LYS A 244 13.01 -7.84 -12.77
C LYS A 244 11.75 -6.99 -12.67
N ALA A 245 11.79 -5.88 -11.92
CA ALA A 245 10.58 -5.09 -11.72
C ALA A 245 9.95 -4.64 -13.03
N LEU A 246 8.61 -4.69 -13.05
CA LEU A 246 7.82 -4.17 -14.15
C LEU A 246 7.87 -2.65 -14.20
N THR A 247 7.65 -2.11 -15.39
CA THR A 247 7.34 -0.70 -15.52
C THR A 247 5.89 -0.48 -15.06
N CYS A 248 5.55 0.78 -14.80
CA CYS A 248 4.15 1.05 -14.50
C CYS A 248 3.26 0.66 -15.69
N LYS A 249 3.73 0.88 -16.92
CA LYS A 249 2.93 0.53 -18.10
C LYS A 249 2.65 -0.98 -18.13
N ALA A 250 3.67 -1.80 -17.88
CA ALA A 250 3.49 -3.24 -17.90
C ALA A 250 2.60 -3.70 -16.75
N TYR A 251 2.73 -3.06 -15.59
CA TYR A 251 1.89 -3.43 -14.44
C TYR A 251 0.44 -3.14 -14.74
N ALA A 252 0.16 -1.95 -15.28
CA ALA A 252 -1.21 -1.61 -15.62
C ALA A 252 -1.76 -2.54 -16.69
N ASP A 253 -0.94 -2.85 -17.69
CA ASP A 253 -1.41 -3.72 -18.76
C ASP A 253 -1.72 -5.13 -18.23
N ALA A 254 -0.84 -5.66 -17.36
CA ALA A 254 -1.07 -6.99 -16.83
C ALA A 254 -2.32 -7.01 -15.96
N ALA A 255 -2.53 -5.96 -15.17
CA ALA A 255 -3.71 -5.89 -14.31
C ALA A 255 -4.98 -5.82 -15.15
N GLU A 256 -4.92 -5.09 -16.27
CA GLU A 256 -6.12 -4.94 -17.08
C GLU A 256 -6.45 -6.25 -17.78
N GLN A 257 -5.43 -6.97 -18.25
CA GLN A 257 -5.68 -8.25 -18.89
C GLN A 257 -6.28 -9.25 -17.88
N LYS A 258 -5.76 -9.28 -16.65
CA LYS A 258 -6.34 -10.13 -15.62
C LYS A 258 -7.78 -9.72 -15.33
N PHE A 259 -8.03 -8.43 -15.25
CA PHE A 259 -9.37 -7.91 -14.95
C PHE A 259 -10.36 -8.30 -16.04
N ASP A 260 -9.96 -8.15 -17.31
CA ASP A 260 -10.83 -8.56 -18.42
C ASP A 260 -11.12 -10.04 -18.37
N GLY A 261 -10.15 -10.85 -17.97
CA GLY A 261 -10.41 -12.29 -17.84
C GLY A 261 -11.40 -12.57 -16.73
N GLN A 262 -11.29 -11.84 -15.61
CA GLN A 262 -12.20 -12.04 -14.49
C GLN A 262 -13.61 -11.63 -14.87
N LEU A 263 -13.73 -10.53 -15.63
CA LEU A 263 -15.05 -10.12 -16.10
C LEU A 263 -15.70 -11.20 -16.93
N ALA A 264 -14.92 -11.80 -17.84
CA ALA A 264 -15.47 -12.81 -18.74
C ALA A 264 -15.86 -14.06 -17.96
N LYS A 265 -15.07 -14.39 -16.94
CA LYS A 265 -15.41 -15.53 -16.08
C LYS A 265 -16.65 -15.24 -15.25
N GLU A 266 -16.81 -13.99 -14.80
CA GLU A 266 -17.98 -13.65 -14.00
C GLU A 266 -19.25 -13.75 -14.84
N THR A 267 -19.20 -13.25 -16.07
CA THR A 267 -20.33 -13.39 -16.98
C THR A 267 -20.69 -14.85 -17.22
N ALA A 268 -19.67 -15.71 -17.28
CA ALA A 268 -19.97 -17.13 -17.48
C ALA A 268 -20.45 -17.83 -16.21
N GLY A 269 -20.03 -17.36 -15.03
CA GLY A 269 -20.29 -18.06 -13.79
C GLY A 269 -21.47 -17.55 -12.99
#